data_9LLQ
#
_entry.id   9LLQ
#
_cell.length_a   109.023
_cell.length_b   116.521
_cell.length_c   113.120
_cell.angle_alpha   90.000
_cell.angle_beta   90.000
_cell.angle_gamma   90.000
#
_symmetry.space_group_name_H-M   'C 2 2 21'
#
loop_
_entity.id
_entity.type
_entity.pdbx_description
1 polymer 'TetR family transcriptional regulator'
2 polymer "DNA (5'-D(P*AP*AP*AP*AP*AP*GP*AP*CP*TP*AP*AP*TP*CP*TP*GP*TP*CP*TP*AP*TP*CP*TP*AP*T)-3')"
3 polymer "DNA (5'-D(P*AP*TP*AP*GP*AP*TP*AP*GP*AP*CP*AP*GP*AP*TP*TP*AP*GP*TP*CP*TP*TP*TP*TP*T)-3')"
4 water water
#
loop_
_entity_poly.entity_id
_entity_poly.type
_entity_poly.pdbx_seq_one_letter_code
_entity_poly.pdbx_strand_id
1 'polypeptide(L)'
;MGMTNKASQPRTFTLSDEKRNHILTTALNLFDQFGFQHISIMRIITEAKIAKQSFYMAFPSKDSFIIECLDMEINRLKQS
LSNLLGQCGKDDHTSILKSFYQWHVDLAYREGYNGTLLTKAVIEYWNLPDIKMKVEDFNKWKYEIFAEYLAEEINNARLR
IIVSAMNGILLPASTYLPTWEDIESLYGEQF
;
A,B
2 'polydeoxyribonucleotide'
;(DA)(DA)(DA)(DA)(DA)(DG)(DA)(DC)(DT)(DA)(DA)(DT)(DC)(DT)(DG)(DT)(DC)(DT)(DA)(DT)
(DC)(DT)(DA)(DT)
;
E
3 'polydeoxyribonucleotide'
;(DA)(DT)(DA)(DG)(DA)(DT)(DA)(DG)(DA)(DC)(DA)(DG)(DA)(DT)(DT)(DA)(DG)(DT)(DC)(DT)
(DT)(DT)(DT)(DT)
;
F
#
loop_
_chem_comp.id
_chem_comp.type
_chem_comp.name
_chem_comp.formula
DA DNA linking 2'-DEOXYADENOSINE-5'-MONOPHOSPHATE 'C10 H14 N5 O6 P'
DC DNA linking 2'-DEOXYCYTIDINE-5'-MONOPHOSPHATE 'C9 H14 N3 O7 P'
DG DNA linking 2'-DEOXYGUANOSINE-5'-MONOPHOSPHATE 'C10 H14 N5 O7 P'
DT DNA linking THYMIDINE-5'-MONOPHOSPHATE 'C10 H15 N2 O8 P'
#
# COMPACT_ATOMS: atom_id res chain seq x y z
N PHE A 13 7.43 -38.33 3.26
CA PHE A 13 8.83 -38.41 3.65
C PHE A 13 9.67 -37.51 2.76
N THR A 14 9.29 -37.33 1.50
CA THR A 14 9.98 -36.43 0.58
C THR A 14 8.93 -35.95 -0.43
N LEU A 15 8.38 -34.77 -0.17
CA LEU A 15 7.30 -34.25 -1.01
C LEU A 15 7.77 -34.05 -2.44
N SER A 16 7.06 -34.67 -3.38
CA SER A 16 7.36 -34.50 -4.79
C SER A 16 7.11 -33.06 -5.21
N ASP A 17 7.95 -32.55 -6.12
CA ASP A 17 7.79 -31.19 -6.60
C ASP A 17 6.46 -30.98 -7.30
N GLU A 18 5.84 -32.05 -7.80
CA GLU A 18 4.47 -31.94 -8.30
C GLU A 18 3.51 -31.58 -7.18
N LYS A 19 3.61 -32.26 -6.05
CA LYS A 19 2.78 -31.93 -4.89
C LYS A 19 3.31 -30.71 -4.15
N ARG A 20 4.63 -30.60 -4.01
CA ARG A 20 5.22 -29.49 -3.26
C ARG A 20 4.85 -28.15 -3.86
N ASN A 21 4.92 -28.03 -5.19
CA ASN A 21 4.54 -26.80 -5.86
C ASN A 21 3.03 -26.59 -5.94
N HIS A 22 2.24 -27.54 -5.43
CA HIS A 22 0.78 -27.36 -5.41
C HIS A 22 0.31 -26.63 -4.17
N ILE A 23 0.96 -26.84 -3.02
CA ILE A 23 0.63 -26.04 -1.84
C ILE A 23 1.04 -24.59 -2.05
N LEU A 24 2.11 -24.36 -2.81
CA LEU A 24 2.58 -23.00 -3.06
C LEU A 24 1.60 -22.24 -3.93
N THR A 25 1.18 -22.84 -5.06
CA THR A 25 0.29 -22.15 -5.98
C THR A 25 -1.11 -21.99 -5.37
N THR A 26 -1.58 -23.00 -4.64
CA THR A 26 -2.90 -22.90 -4.01
C THR A 26 -2.91 -21.81 -2.94
N ALA A 27 -1.83 -21.70 -2.16
CA ALA A 27 -1.77 -20.67 -1.13
C ALA A 27 -1.66 -19.28 -1.74
N LEU A 28 -0.90 -19.15 -2.83
CA LEU A 28 -0.74 -17.84 -3.47
C LEU A 28 -2.07 -17.31 -3.99
N ASN A 29 -2.90 -18.19 -4.55
CA ASN A 29 -4.23 -17.78 -4.97
C ASN A 29 -5.11 -17.44 -3.77
N LEU A 30 -4.99 -18.22 -2.70
CA LEU A 30 -5.76 -17.95 -1.50
C LEU A 30 -5.29 -16.68 -0.79
N PHE A 31 -4.00 -16.35 -0.90
CA PHE A 31 -3.48 -15.14 -0.26
C PHE A 31 -3.86 -13.89 -1.04
N ASP A 32 -3.73 -13.94 -2.38
CA ASP A 32 -4.10 -12.79 -3.19
C ASP A 32 -5.59 -12.50 -3.10
N GLN A 33 -6.42 -13.55 -3.09
CA GLN A 33 -7.86 -13.36 -2.94
C GLN A 33 -8.21 -12.73 -1.60
N PHE A 34 -7.59 -13.23 -0.53
CA PHE A 34 -7.95 -12.83 0.83
C PHE A 34 -6.76 -12.19 1.53
N GLY A 35 -6.15 -12.91 2.46
CA GLY A 35 -5.02 -12.36 3.19
C GLY A 35 -4.20 -13.44 3.86
N PHE A 36 -3.02 -13.04 4.34
CA PHE A 36 -2.15 -13.94 5.08
C PHE A 36 -2.80 -14.39 6.38
N GLN A 37 -3.60 -13.51 6.98
CA GLN A 37 -4.22 -13.78 8.28
C GLN A 37 -5.35 -14.81 8.14
N HIS A 38 -6.25 -14.58 7.19
CA HIS A 38 -7.45 -15.39 7.09
C HIS A 38 -7.12 -16.81 6.63
N ILE A 39 -6.31 -16.93 5.58
CA ILE A 39 -5.97 -18.23 5.03
C ILE A 39 -5.03 -18.95 5.99
N SER A 40 -5.41 -20.16 6.39
CA SER A 40 -4.65 -20.98 7.31
C SER A 40 -4.09 -22.18 6.59
N ILE A 41 -3.25 -22.94 7.32
CA ILE A 41 -2.66 -24.15 6.75
C ILE A 41 -3.75 -25.16 6.41
N MET A 42 -4.72 -25.34 7.31
CA MET A 42 -5.81 -26.28 7.04
C MET A 42 -6.59 -25.90 5.80
N ARG A 43 -6.72 -24.59 5.53
CA ARG A 43 -7.41 -24.17 4.32
C ARG A 43 -6.64 -24.55 3.06
N ILE A 44 -5.31 -24.42 3.10
CA ILE A 44 -4.51 -24.77 1.93
C ILE A 44 -4.35 -26.28 1.82
N ILE A 45 -4.35 -27.00 2.95
CA ILE A 45 -4.15 -28.44 2.92
C ILE A 45 -5.31 -29.12 2.20
N THR A 46 -6.54 -28.69 2.48
CA THR A 46 -7.70 -29.34 1.88
C THR A 46 -7.83 -29.01 0.40
N GLU A 47 -7.67 -27.73 0.04
CA GLU A 47 -7.86 -27.32 -1.35
C GLU A 47 -6.73 -27.82 -2.25
N ALA A 48 -5.55 -28.09 -1.71
CA ALA A 48 -4.45 -28.63 -2.50
C ALA A 48 -4.44 -30.15 -2.53
N LYS A 49 -5.57 -30.78 -2.19
CA LYS A 49 -5.74 -32.24 -2.16
C LYS A 49 -4.50 -32.94 -1.61
N ILE A 50 -4.05 -32.49 -0.44
CA ILE A 50 -2.87 -33.02 0.22
C ILE A 50 -3.18 -33.16 1.70
N ALA A 51 -2.24 -33.78 2.43
CA ALA A 51 -2.38 -33.99 3.86
C ALA A 51 -1.51 -32.99 4.62
N LYS A 52 -1.51 -33.12 5.96
CA LYS A 52 -0.80 -32.17 6.81
C LYS A 52 0.64 -32.59 7.09
N GLN A 53 0.89 -33.90 7.25
CA GLN A 53 2.24 -34.36 7.58
C GLN A 53 3.19 -34.10 6.42
N SER A 54 2.80 -34.54 5.21
CA SER A 54 3.63 -34.32 4.03
C SER A 54 3.92 -32.85 3.77
N PHE A 55 3.05 -31.95 4.25
CA PHE A 55 3.30 -30.52 4.11
C PHE A 55 4.54 -30.09 4.89
N TYR A 56 4.88 -30.82 5.95
CA TYR A 56 6.02 -30.45 6.78
C TYR A 56 7.32 -31.16 6.39
N MET A 57 7.25 -32.14 5.48
CA MET A 57 8.48 -32.73 4.97
C MET A 57 9.19 -31.84 3.96
N ALA A 58 8.55 -30.76 3.52
CA ALA A 58 9.15 -29.79 2.63
C ALA A 58 9.19 -28.38 3.20
N PHE A 59 8.31 -28.04 4.12
CA PHE A 59 8.28 -26.71 4.75
C PHE A 59 8.21 -26.89 6.25
N PRO A 60 9.25 -26.49 7.00
CA PRO A 60 9.24 -26.69 8.45
C PRO A 60 8.12 -25.94 9.16
N SER A 61 8.16 -24.61 9.11
CA SER A 61 7.18 -23.78 9.77
C SER A 61 6.40 -22.96 8.75
N LYS A 62 5.32 -22.32 9.21
CA LYS A 62 4.53 -21.48 8.34
C LYS A 62 5.30 -20.23 7.92
N ASP A 63 6.13 -19.69 8.82
CA ASP A 63 6.94 -18.54 8.47
C ASP A 63 7.92 -18.87 7.34
N SER A 64 8.42 -20.10 7.31
CA SER A 64 9.25 -20.52 6.18
C SER A 64 8.41 -20.73 4.92
N PHE A 65 7.15 -21.12 5.08
CA PHE A 65 6.26 -21.28 3.93
C PHE A 65 5.88 -19.93 3.33
N ILE A 66 5.73 -18.91 4.17
CA ILE A 66 5.40 -17.57 3.65
C ILE A 66 6.58 -16.98 2.90
N ILE A 67 7.80 -17.17 3.43
CA ILE A 67 8.99 -16.68 2.76
C ILE A 67 9.17 -17.40 1.42
N GLU A 68 8.88 -18.70 1.39
CA GLU A 68 8.97 -19.45 0.14
C GLU A 68 7.96 -18.94 -0.88
N CYS A 69 6.76 -18.59 -0.42
CA CYS A 69 5.75 -18.07 -1.34
C CYS A 69 6.09 -16.68 -1.82
N LEU A 70 6.82 -15.89 -1.02
CA LEU A 70 7.18 -14.54 -1.43
C LEU A 70 8.25 -14.56 -2.53
N ASP A 71 9.22 -15.48 -2.41
CA ASP A 71 10.24 -15.59 -3.45
C ASP A 71 9.65 -16.05 -4.77
N MET A 72 8.61 -16.89 -4.73
CA MET A 72 7.97 -17.34 -5.96
C MET A 72 7.18 -16.20 -6.61
N GLU A 73 6.52 -15.37 -5.79
CA GLU A 73 5.75 -14.27 -6.35
C GLU A 73 6.66 -13.15 -6.86
N ILE A 74 7.78 -12.91 -6.17
CA ILE A 74 8.72 -11.90 -6.62
C ILE A 74 9.33 -12.30 -7.95
N ASN A 75 9.71 -13.57 -8.09
CA ASN A 75 10.23 -14.05 -9.36
C ASN A 75 9.16 -14.06 -10.45
N ARG A 76 7.90 -14.29 -10.07
CA ARG A 76 6.81 -14.22 -11.03
C ARG A 76 6.65 -12.81 -11.58
N LEU A 77 6.61 -11.82 -10.68
CA LEU A 77 6.50 -10.43 -11.11
C LEU A 77 7.75 -9.99 -11.87
N LYS A 78 8.90 -10.57 -11.55
CA LYS A 78 10.13 -10.23 -12.27
C LYS A 78 10.02 -10.64 -13.74
N GLN A 79 9.70 -11.91 -13.99
CA GLN A 79 9.57 -12.39 -15.37
C GLN A 79 8.41 -11.73 -16.10
N SER A 80 7.33 -11.41 -15.37
CA SER A 80 6.16 -10.81 -15.99
C SER A 80 6.50 -9.46 -16.61
N LEU A 81 7.20 -8.61 -15.86
CA LEU A 81 7.58 -7.30 -16.37
C LEU A 81 8.76 -7.38 -17.33
N SER A 82 9.63 -8.39 -17.17
CA SER A 82 10.79 -8.51 -18.04
C SER A 82 10.37 -8.80 -19.48
N ASN A 83 9.39 -9.69 -19.66
CA ASN A 83 8.93 -10.02 -21.01
C ASN A 83 8.07 -8.92 -21.61
N LEU A 84 7.33 -8.18 -20.78
CA LEU A 84 6.46 -7.14 -21.31
C LEU A 84 7.24 -5.97 -21.89
N LEU A 85 8.40 -5.66 -21.32
CA LEU A 85 9.21 -4.55 -21.83
C LEU A 85 10.06 -4.96 -23.03
N GLY A 86 10.43 -6.23 -23.11
CA GLY A 86 11.23 -6.72 -24.22
C GLY A 86 10.49 -6.94 -25.51
N GLN A 87 9.19 -6.62 -25.56
CA GLN A 87 8.39 -6.79 -26.76
C GLN A 87 8.24 -5.50 -27.55
N CYS A 88 8.94 -4.44 -27.17
CA CYS A 88 8.88 -3.16 -27.84
C CYS A 88 10.21 -2.83 -28.49
N GLY A 89 10.16 -1.88 -29.42
CA GLY A 89 11.37 -1.49 -30.12
C GLY A 89 12.36 -0.78 -29.20
N LYS A 90 13.64 -0.92 -29.53
CA LYS A 90 14.69 -0.31 -28.71
C LYS A 90 14.63 1.21 -28.78
N ASP A 91 14.24 1.77 -29.92
CA ASP A 91 14.11 3.21 -30.07
C ASP A 91 12.71 3.72 -29.79
N ASP A 92 11.73 2.83 -29.65
CA ASP A 92 10.35 3.22 -29.36
C ASP A 92 10.21 3.41 -27.86
N HIS A 93 10.65 4.58 -27.38
CA HIS A 93 10.57 4.89 -25.97
C HIS A 93 9.14 5.07 -25.48
N THR A 94 8.21 5.42 -26.38
CA THR A 94 6.82 5.54 -25.99
C THR A 94 6.18 4.18 -25.71
N SER A 95 6.60 3.15 -26.45
CA SER A 95 6.05 1.82 -26.22
C SER A 95 6.51 1.23 -24.89
N ILE A 96 7.72 1.57 -24.45
CA ILE A 96 8.16 1.13 -23.12
C ILE A 96 7.38 1.85 -22.04
N LEU A 97 7.01 3.12 -22.28
CA LEU A 97 6.24 3.86 -21.28
C LEU A 97 4.84 3.30 -21.13
N LYS A 98 4.20 2.94 -22.25
CA LYS A 98 2.85 2.38 -22.17
C LYS A 98 2.86 0.99 -21.55
N SER A 99 3.89 0.20 -21.85
CA SER A 99 3.99 -1.14 -21.26
C SER A 99 4.19 -1.07 -19.75
N PHE A 100 4.94 -0.07 -19.29
CA PHE A 100 5.13 0.11 -17.85
C PHE A 100 3.85 0.56 -17.17
N TYR A 101 3.03 1.36 -17.86
CA TYR A 101 1.77 1.81 -17.28
C TYR A 101 0.74 0.68 -17.29
N GLN A 102 0.63 -0.05 -18.40
CA GLN A 102 -0.33 -1.13 -18.48
C GLN A 102 0.02 -2.27 -17.52
N TRP A 103 1.29 -2.41 -17.17
CA TRP A 103 1.67 -3.46 -16.23
C TRP A 103 1.14 -3.16 -14.83
N HIS A 104 1.26 -1.91 -14.37
CA HIS A 104 0.66 -1.53 -13.10
C HIS A 104 -0.86 -1.45 -13.18
N VAL A 105 -1.41 -1.34 -14.38
CA VAL A 105 -2.86 -1.19 -14.53
C VAL A 105 -3.57 -2.52 -14.36
N ASP A 106 -3.12 -3.55 -15.08
CA ASP A 106 -3.81 -4.84 -15.02
C ASP A 106 -3.71 -5.51 -13.66
N LEU A 107 -2.91 -4.97 -12.75
CA LEU A 107 -2.90 -5.42 -11.36
C LEU A 107 -3.95 -4.70 -10.53
N ALA A 108 -3.92 -3.36 -10.55
CA ALA A 108 -4.85 -2.60 -9.72
C ALA A 108 -6.26 -2.58 -10.30
N TYR A 109 -6.39 -2.59 -11.62
CA TYR A 109 -7.70 -2.54 -12.28
C TYR A 109 -8.35 -3.91 -12.41
N ARG A 110 -8.25 -4.74 -11.37
CA ARG A 110 -8.85 -6.07 -11.39
C ARG A 110 -9.88 -6.19 -10.26
N GLU A 111 -10.81 -7.13 -10.44
CA GLU A 111 -11.86 -7.33 -9.47
C GLU A 111 -11.28 -7.88 -8.17
N GLY A 112 -11.77 -7.35 -7.05
CA GLY A 112 -11.31 -7.79 -5.75
C GLY A 112 -9.88 -7.41 -5.43
N TYR A 113 -9.36 -6.35 -6.04
CA TYR A 113 -7.99 -5.93 -5.79
C TYR A 113 -7.89 -5.27 -4.43
N ASN A 114 -7.07 -5.84 -3.55
CA ASN A 114 -6.81 -5.30 -2.22
C ASN A 114 -5.30 -5.13 -2.00
N GLY A 115 -4.60 -4.67 -3.03
CA GLY A 115 -3.17 -4.49 -2.96
C GLY A 115 -2.41 -5.70 -3.47
N THR A 116 -1.16 -5.44 -3.86
CA THR A 116 -0.30 -6.51 -4.35
C THR A 116 0.10 -7.44 -3.20
N LEU A 117 0.52 -8.65 -3.57
CA LEU A 117 0.94 -9.63 -2.56
C LEU A 117 2.21 -9.19 -1.85
N LEU A 118 3.04 -8.36 -2.51
CA LEU A 118 4.27 -7.90 -1.88
C LEU A 118 3.98 -6.85 -0.80
N THR A 119 2.98 -5.99 -1.04
CA THR A 119 2.60 -5.02 -0.02
C THR A 119 2.01 -5.71 1.20
N LYS A 120 1.24 -6.79 0.98
CA LYS A 120 0.67 -7.54 2.10
C LYS A 120 1.76 -8.18 2.96
N ALA A 121 2.85 -8.61 2.34
CA ALA A 121 3.92 -9.27 3.08
C ALA A 121 4.66 -8.30 3.99
N VAL A 122 4.71 -7.02 3.63
CA VAL A 122 5.40 -6.04 4.46
C VAL A 122 4.52 -5.60 5.63
N ILE A 123 3.20 -5.65 5.47
CA ILE A 123 2.30 -5.17 6.51
C ILE A 123 2.19 -6.19 7.64
N GLU A 124 1.87 -7.45 7.30
CA GLU A 124 1.66 -8.47 8.33
C GLU A 124 2.95 -9.04 8.87
N TYR A 125 4.05 -8.94 8.13
CA TYR A 125 5.29 -9.60 8.55
C TYR A 125 6.43 -8.61 8.73
N TRP A 126 6.24 -7.65 9.64
CA TRP A 126 7.30 -6.73 10.01
C TRP A 126 8.36 -7.37 10.89
N ASN A 127 8.09 -8.58 11.41
CA ASN A 127 9.04 -9.22 12.32
C ASN A 127 10.30 -9.66 11.58
N LEU A 128 10.14 -10.23 10.40
CA LEU A 128 11.30 -10.71 9.63
C LEU A 128 11.84 -9.57 8.77
N PRO A 129 13.07 -9.10 9.01
CA PRO A 129 13.64 -8.07 8.15
C PRO A 129 13.96 -8.56 6.75
N ASP A 130 14.07 -9.87 6.55
CA ASP A 130 14.33 -10.41 5.22
C ASP A 130 13.15 -10.25 4.29
N ILE A 131 11.93 -10.13 4.82
CA ILE A 131 10.76 -9.98 3.98
C ILE A 131 10.68 -8.57 3.42
N LYS A 132 10.90 -7.56 4.26
CA LYS A 132 10.92 -6.18 3.78
C LYS A 132 12.09 -5.94 2.82
N MET A 133 13.22 -6.63 3.05
CA MET A 133 14.34 -6.50 2.14
C MET A 133 14.03 -7.13 0.78
N LYS A 134 13.33 -8.28 0.79
CA LYS A 134 12.98 -8.93 -0.47
C LYS A 134 12.05 -8.06 -1.31
N VAL A 135 11.13 -7.35 -0.65
CA VAL A 135 10.24 -6.45 -1.38
C VAL A 135 10.96 -5.19 -1.80
N GLU A 136 11.86 -4.67 -0.94
CA GLU A 136 12.62 -3.49 -1.29
C GLU A 136 13.54 -3.75 -2.48
N ASP A 137 14.15 -4.93 -2.52
CA ASP A 137 15.04 -5.26 -3.63
C ASP A 137 14.28 -5.37 -4.94
N PHE A 138 13.00 -5.73 -4.89
CA PHE A 138 12.20 -5.80 -6.11
C PHE A 138 11.76 -4.41 -6.56
N ASN A 139 11.31 -3.58 -5.61
CA ASN A 139 10.92 -2.21 -5.97
C ASN A 139 12.09 -1.45 -6.56
N LYS A 140 13.30 -1.66 -6.02
CA LYS A 140 14.49 -1.09 -6.64
C LYS A 140 14.75 -1.71 -8.01
N TRP A 141 14.48 -3.01 -8.14
CA TRP A 141 14.66 -3.67 -9.43
C TRP A 141 13.67 -3.14 -10.46
N LYS A 142 12.42 -2.91 -10.06
CA LYS A 142 11.42 -2.42 -10.99
C LYS A 142 11.79 -1.02 -11.51
N TYR A 143 12.37 -0.19 -10.64
CA TYR A 143 12.81 1.13 -11.08
C TYR A 143 14.01 1.03 -12.02
N GLU A 144 14.98 0.18 -11.67
CA GLU A 144 16.22 0.10 -12.45
C GLU A 144 16.01 -0.60 -13.78
N ILE A 145 15.13 -1.61 -13.82
CA ILE A 145 14.86 -2.28 -15.08
C ILE A 145 14.03 -1.38 -16.01
N PHE A 146 13.30 -0.43 -15.46
CA PHE A 146 12.54 0.51 -16.28
C PHE A 146 13.42 1.64 -16.79
N ALA A 147 14.40 2.08 -15.99
CA ALA A 147 15.35 3.09 -16.44
C ALA A 147 16.40 2.53 -17.38
N GLU A 148 16.62 1.21 -17.36
CA GLU A 148 17.57 0.61 -18.29
C GLU A 148 17.13 0.82 -19.73
N TYR A 149 15.82 0.75 -19.99
CA TYR A 149 15.31 0.92 -21.34
C TYR A 149 15.33 2.40 -21.74
N LEU A 150 14.85 3.28 -20.86
CA LEU A 150 14.77 4.71 -21.13
C LEU A 150 15.81 5.43 -20.29
N ALA A 151 17.08 5.32 -20.71
CA ALA A 151 18.16 6.05 -20.09
C ALA A 151 18.65 7.23 -20.92
N GLU A 152 18.41 7.22 -22.23
CA GLU A 152 18.84 8.29 -23.12
C GLU A 152 17.78 9.36 -23.33
N GLU A 153 16.60 9.19 -22.76
CA GLU A 153 15.50 10.14 -22.96
C GLU A 153 15.08 10.79 -21.66
N ILE A 154 14.18 10.13 -20.93
CA ILE A 154 13.66 10.70 -19.68
C ILE A 154 14.78 10.81 -18.66
N ASN A 155 14.91 11.99 -18.06
CA ASN A 155 15.95 12.20 -17.07
C ASN A 155 15.52 11.65 -15.71
N ASN A 156 16.48 11.58 -14.78
CA ASN A 156 16.24 10.93 -13.50
C ASN A 156 15.19 11.65 -12.68
N ALA A 157 15.06 12.97 -12.84
CA ALA A 157 14.04 13.72 -12.10
C ALA A 157 12.65 13.26 -12.49
N ARG A 158 12.40 13.11 -13.79
CA ARG A 158 11.09 12.66 -14.25
C ARG A 158 10.89 11.16 -14.03
N LEU A 159 11.97 10.37 -14.13
CA LEU A 159 11.85 8.93 -13.93
C LEU A 159 11.37 8.61 -12.53
N ARG A 160 11.92 9.28 -11.52
CA ARG A 160 11.51 9.03 -10.14
C ARG A 160 10.03 9.38 -9.93
N ILE A 161 9.52 10.36 -10.67
CA ILE A 161 8.11 10.72 -10.54
C ILE A 161 7.24 9.72 -11.29
N ILE A 162 7.70 9.24 -12.45
CA ILE A 162 6.93 8.26 -13.21
C ILE A 162 6.71 7.00 -12.38
N VAL A 163 7.80 6.45 -11.81
CA VAL A 163 7.68 5.23 -11.04
C VAL A 163 6.88 5.45 -9.76
N SER A 164 7.11 6.57 -9.09
CA SER A 164 6.35 6.87 -7.88
C SER A 164 4.86 7.05 -8.19
N ALA A 165 4.54 7.62 -9.35
CA ALA A 165 3.14 7.73 -9.74
C ALA A 165 2.55 6.37 -10.08
N MET A 166 3.36 5.49 -10.68
CA MET A 166 2.88 4.13 -10.97
C MET A 166 2.70 3.32 -9.69
N ASN A 167 3.54 3.57 -8.68
CA ASN A 167 3.37 2.89 -7.41
C ASN A 167 2.11 3.36 -6.69
N GLY A 168 1.72 4.62 -6.86
CA GLY A 168 0.47 5.10 -6.32
C GLY A 168 -0.75 4.44 -6.94
N ILE A 169 -0.60 3.88 -8.14
CA ILE A 169 -1.70 3.14 -8.75
C ILE A 169 -1.89 1.81 -8.03
N LEU A 170 -0.79 1.14 -7.68
CA LEU A 170 -0.86 -0.13 -6.95
C LEU A 170 -1.42 0.04 -5.55
N LEU A 171 -1.49 1.26 -5.03
CA LEU A 171 -2.04 1.49 -3.70
C LEU A 171 -3.55 1.24 -3.73
N PRO A 172 -4.07 0.36 -2.90
CA PRO A 172 -5.51 0.08 -2.92
C PRO A 172 -6.31 1.25 -2.39
N ALA A 173 -7.59 1.30 -2.80
CA ALA A 173 -8.52 2.35 -2.40
C ALA A 173 -8.01 3.73 -2.79
N SER A 174 -7.39 3.83 -3.96
CA SER A 174 -6.86 5.08 -4.48
C SER A 174 -7.84 5.70 -5.46
N THR A 175 -7.90 7.03 -5.44
CA THR A 175 -8.79 7.79 -6.31
C THR A 175 -7.98 8.77 -7.14
N TYR A 176 -8.58 9.21 -8.25
CA TYR A 176 -7.97 10.14 -9.19
C TYR A 176 -6.63 9.60 -9.71
N LEU A 177 -6.71 8.43 -10.34
CA LEU A 177 -5.53 7.80 -10.90
C LEU A 177 -5.12 8.48 -12.21
N PRO A 178 -3.82 8.55 -12.49
CA PRO A 178 -3.36 9.18 -13.74
C PRO A 178 -3.60 8.27 -14.93
N THR A 179 -4.33 8.79 -15.91
CA THR A 179 -4.64 8.02 -17.11
C THR A 179 -3.42 7.94 -18.02
N TRP A 180 -3.54 7.18 -19.11
CA TRP A 180 -2.43 7.06 -20.05
C TRP A 180 -2.17 8.37 -20.77
N GLU A 181 -3.23 9.09 -21.14
CA GLU A 181 -3.06 10.39 -21.78
C GLU A 181 -2.36 11.36 -20.86
N ASP A 182 -2.58 11.24 -19.55
CA ASP A 182 -1.83 12.04 -18.59
C ASP A 182 -0.35 11.68 -18.60
N ILE A 183 -0.04 10.39 -18.72
CA ILE A 183 1.35 9.97 -18.80
C ILE A 183 1.94 10.32 -20.16
N GLU A 184 1.10 10.38 -21.20
CA GLU A 184 1.59 10.73 -22.53
C GLU A 184 2.14 12.15 -22.58
N SER A 185 1.53 13.07 -21.81
CA SER A 185 2.00 14.45 -21.81
C SER A 185 3.33 14.63 -21.09
N LEU A 186 3.71 13.68 -20.22
CA LEU A 186 4.97 13.80 -19.52
C LEU A 186 6.15 13.52 -20.45
N TYR A 187 6.02 12.52 -21.32
CA TYR A 187 7.06 12.25 -22.31
C TYR A 187 7.20 13.40 -23.29
N GLY A 188 6.10 13.76 -23.97
CA GLY A 188 6.13 14.84 -24.94
C GLY A 188 5.98 14.36 -26.37
N PHE B 13 -24.25 0.87 31.87
CA PHE B 13 -24.83 0.75 30.53
C PHE B 13 -24.30 1.85 29.62
N THR B 14 -23.55 2.78 30.21
CA THR B 14 -22.93 3.87 29.48
C THR B 14 -21.49 4.03 29.98
N LEU B 15 -20.64 4.61 29.14
CA LEU B 15 -19.22 4.72 29.43
C LEU B 15 -18.78 6.18 29.32
N SER B 16 -17.76 6.53 30.11
CA SER B 16 -17.15 7.85 30.02
C SER B 16 -16.45 8.01 28.69
N ASP B 17 -16.76 9.09 27.98
CA ASP B 17 -16.14 9.34 26.68
C ASP B 17 -14.63 9.61 26.80
N GLU B 18 -14.17 10.06 27.97
CA GLU B 18 -12.74 10.17 28.19
C GLU B 18 -12.07 8.81 28.15
N LYS B 19 -12.70 7.81 28.76
CA LYS B 19 -12.19 6.45 28.69
C LYS B 19 -12.38 5.86 27.29
N ARG B 20 -13.42 6.29 26.57
CA ARG B 20 -13.64 5.79 25.22
C ARG B 20 -12.48 6.15 24.31
N ASN B 21 -12.00 7.39 24.39
CA ASN B 21 -10.86 7.80 23.55
C ASN B 21 -9.57 7.13 23.99
N HIS B 22 -9.48 6.73 25.26
CA HIS B 22 -8.27 6.04 25.73
C HIS B 22 -8.14 4.66 25.09
N ILE B 23 -9.26 3.94 24.93
CA ILE B 23 -9.21 2.66 24.25
C ILE B 23 -8.97 2.85 22.76
N LEU B 24 -9.49 3.93 22.18
CA LEU B 24 -9.31 4.17 20.75
C LEU B 24 -7.87 4.56 20.43
N THR B 25 -7.31 5.49 21.19
CA THR B 25 -5.95 5.96 20.92
C THR B 25 -4.92 4.88 21.20
N THR B 26 -5.16 4.04 22.20
CA THR B 26 -4.22 2.97 22.51
C THR B 26 -4.17 1.94 21.39
N ALA B 27 -5.31 1.62 20.80
CA ALA B 27 -5.34 0.66 19.70
C ALA B 27 -4.71 1.25 18.43
N LEU B 28 -4.90 2.55 18.21
CA LEU B 28 -4.33 3.18 17.02
C LEU B 28 -2.80 3.13 17.06
N ASN B 29 -2.21 3.40 18.22
CA ASN B 29 -0.76 3.29 18.36
C ASN B 29 -0.30 1.85 18.24
N LEU B 30 -1.18 0.89 18.55
CA LEU B 30 -0.81 -0.52 18.43
C LEU B 30 -0.95 -1.03 17.01
N PHE B 31 -1.89 -0.48 16.24
CA PHE B 31 -2.11 -0.97 14.87
C PHE B 31 -1.13 -0.36 13.88
N ASP B 32 -0.71 0.89 14.10
CA ASP B 32 0.17 1.55 13.15
C ASP B 32 1.55 0.90 13.10
N GLN B 33 1.96 0.24 14.18
CA GLN B 33 3.27 -0.40 14.23
C GLN B 33 3.21 -1.91 14.10
N PHE B 34 2.06 -2.53 14.37
CA PHE B 34 1.96 -3.98 14.39
C PHE B 34 0.86 -4.55 13.52
N GLY B 35 0.00 -3.73 12.93
CA GLY B 35 -1.11 -4.22 12.14
C GLY B 35 -2.31 -4.57 13.00
N PHE B 36 -3.40 -4.94 12.31
CA PHE B 36 -4.65 -5.21 13.01
C PHE B 36 -4.70 -6.63 13.57
N GLN B 37 -4.29 -7.62 12.78
CA GLN B 37 -4.42 -9.01 13.20
C GLN B 37 -3.41 -9.42 14.27
N HIS B 38 -2.36 -8.64 14.49
CA HIS B 38 -1.42 -8.96 15.56
C HIS B 38 -2.00 -8.59 16.92
N ILE B 39 -2.54 -7.37 17.04
CA ILE B 39 -3.01 -6.87 18.32
C ILE B 39 -4.42 -7.39 18.59
N SER B 40 -4.60 -8.06 19.71
CA SER B 40 -5.90 -8.56 20.14
C SER B 40 -6.58 -7.54 21.06
N ILE B 41 -7.89 -7.72 21.23
CA ILE B 41 -8.64 -6.82 22.11
C ILE B 41 -8.22 -7.02 23.55
N MET B 42 -7.83 -8.24 23.92
CA MET B 42 -7.31 -8.48 25.27
C MET B 42 -6.01 -7.73 25.49
N ARG B 43 -5.22 -7.53 24.44
CA ARG B 43 -4.01 -6.73 24.54
C ARG B 43 -4.34 -5.24 24.61
N ILE B 44 -5.30 -4.78 23.81
CA ILE B 44 -5.70 -3.39 23.84
C ILE B 44 -6.28 -3.02 25.20
N ILE B 45 -7.08 -3.92 25.78
CA ILE B 45 -7.69 -3.66 27.07
C ILE B 45 -6.63 -3.63 28.17
N THR B 46 -5.68 -4.57 28.13
CA THR B 46 -4.63 -4.60 29.15
C THR B 46 -3.63 -3.47 28.98
N GLU B 47 -3.41 -3.03 27.74
CA GLU B 47 -2.49 -1.90 27.53
C GLU B 47 -3.14 -0.57 27.90
N ALA B 48 -4.44 -0.43 27.69
CA ALA B 48 -5.16 0.77 28.11
C ALA B 48 -5.46 0.79 29.60
N LYS B 49 -5.06 -0.26 30.34
CA LYS B 49 -5.28 -0.36 31.78
C LYS B 49 -6.76 -0.21 32.13
N ILE B 50 -7.61 -0.89 31.37
CA ILE B 50 -9.06 -0.85 31.58
C ILE B 50 -9.57 -2.26 31.81
N ALA B 51 -10.88 -2.40 31.98
CA ALA B 51 -11.51 -3.70 32.15
C ALA B 51 -12.00 -4.23 30.81
N LYS B 52 -12.22 -5.55 30.77
CA LYS B 52 -12.65 -6.19 29.53
C LYS B 52 -14.14 -5.95 29.25
N GLN B 53 -14.96 -5.81 30.30
CA GLN B 53 -16.39 -5.62 30.10
C GLN B 53 -16.72 -4.18 29.75
N SER B 54 -15.91 -3.21 30.19
CA SER B 54 -16.15 -1.82 29.83
C SER B 54 -15.97 -1.59 28.34
N PHE B 55 -15.17 -2.42 27.68
CA PHE B 55 -14.97 -2.29 26.23
C PHE B 55 -16.22 -2.66 25.46
N TYR B 56 -17.00 -3.61 25.96
CA TYR B 56 -18.18 -4.08 25.23
C TYR B 56 -19.41 -3.22 25.47
N MET B 57 -19.46 -2.48 26.58
CA MET B 57 -20.58 -1.59 26.84
C MET B 57 -20.64 -0.47 25.80
N ALA B 58 -19.49 0.10 25.46
CA ALA B 58 -19.45 1.18 24.48
C ALA B 58 -19.40 0.64 23.06
N PHE B 59 -18.46 -0.27 22.79
CA PHE B 59 -18.31 -0.84 21.45
C PHE B 59 -18.99 -2.20 21.41
N PRO B 60 -19.97 -2.40 20.53
CA PRO B 60 -20.70 -3.69 20.52
C PRO B 60 -19.82 -4.88 20.19
N SER B 61 -18.93 -4.75 19.21
CA SER B 61 -18.10 -5.86 18.77
C SER B 61 -16.69 -5.34 18.49
N LYS B 62 -15.87 -6.19 17.88
CA LYS B 62 -14.51 -5.78 17.50
C LYS B 62 -14.50 -5.01 16.19
N ASP B 63 -15.31 -5.43 15.22
CA ASP B 63 -15.40 -4.70 13.96
C ASP B 63 -15.99 -3.31 14.14
N SER B 64 -16.93 -3.15 15.08
CA SER B 64 -17.43 -1.83 15.41
C SER B 64 -16.35 -0.95 16.02
N PHE B 65 -15.42 -1.56 16.77
CA PHE B 65 -14.30 -0.81 17.33
C PHE B 65 -13.31 -0.43 16.24
N ILE B 66 -13.12 -1.29 15.25
CA ILE B 66 -12.16 -1.00 14.19
C ILE B 66 -12.67 0.11 13.29
N ILE B 67 -13.96 0.08 12.94
CA ILE B 67 -14.54 1.14 12.12
C ILE B 67 -14.49 2.47 12.87
N GLU B 68 -14.76 2.45 14.18
CA GLU B 68 -14.59 3.65 14.98
C GLU B 68 -13.13 4.09 15.02
N CYS B 69 -12.19 3.14 14.97
CA CYS B 69 -10.78 3.50 14.93
C CYS B 69 -10.40 4.10 13.58
N LEU B 70 -11.08 3.70 12.51
CA LEU B 70 -10.76 4.24 11.18
C LEU B 70 -11.32 5.65 11.01
N ASP B 71 -12.50 5.92 11.57
CA ASP B 71 -13.07 7.26 11.48
C ASP B 71 -12.23 8.27 12.26
N MET B 72 -11.66 7.85 13.38
CA MET B 72 -10.82 8.76 14.17
C MET B 72 -9.51 9.06 13.45
N GLU B 73 -8.96 8.09 12.72
CA GLU B 73 -7.70 8.31 12.00
C GLU B 73 -7.91 9.22 10.80
N ILE B 74 -9.01 9.04 10.08
CA ILE B 74 -9.26 9.87 8.89
C ILE B 74 -9.46 11.32 9.29
N ASN B 75 -10.24 11.57 10.34
CA ASN B 75 -10.45 12.94 10.81
C ASN B 75 -9.16 13.53 11.38
N ARG B 76 -8.26 12.69 11.88
CA ARG B 76 -6.96 13.20 12.31
C ARG B 76 -6.09 13.57 11.12
N LEU B 77 -6.05 12.70 10.10
CA LEU B 77 -5.32 13.03 8.88
C LEU B 77 -5.93 14.22 8.17
N LYS B 78 -7.23 14.43 8.32
CA LYS B 78 -7.89 15.55 7.66
C LYS B 78 -7.44 16.88 8.25
N GLN B 79 -7.45 16.99 9.58
CA GLN B 79 -7.04 18.24 10.22
C GLN B 79 -5.55 18.49 10.09
N SER B 80 -4.75 17.41 10.08
CA SER B 80 -3.31 17.58 9.95
C SER B 80 -2.94 18.16 8.60
N LEU B 81 -3.64 17.73 7.54
CA LEU B 81 -3.38 18.26 6.21
C LEU B 81 -4.08 19.60 5.98
N SER B 82 -5.25 19.79 6.57
CA SER B 82 -5.95 21.07 6.43
C SER B 82 -5.16 22.19 7.10
N ASN B 83 -4.51 21.89 8.22
CA ASN B 83 -3.73 22.91 8.91
C ASN B 83 -2.43 23.19 8.18
N LEU B 84 -1.70 22.13 7.81
CA LEU B 84 -0.39 22.31 7.16
C LEU B 84 -0.52 23.12 5.87
N LEU B 85 -1.56 22.84 5.09
CA LEU B 85 -1.81 23.65 3.89
C LEU B 85 -2.41 25.01 4.23
N GLY B 86 -3.09 25.10 5.37
CA GLY B 86 -3.69 26.38 5.77
C GLY B 86 -2.70 27.35 6.37
N GLN B 87 -1.68 26.85 7.06
CA GLN B 87 -0.67 27.72 7.66
C GLN B 87 0.27 28.32 6.63
N CYS B 88 0.21 27.88 5.38
CA CYS B 88 1.06 28.45 4.34
C CYS B 88 0.57 29.84 3.95
N GLY B 89 1.46 30.59 3.30
CA GLY B 89 1.11 31.92 2.86
C GLY B 89 0.01 31.87 1.80
N LYS B 90 -0.88 32.85 1.84
CA LYS B 90 -1.99 32.89 0.90
C LYS B 90 -1.48 33.10 -0.52
N ASP B 91 -2.05 32.33 -1.46
CA ASP B 91 -1.68 32.35 -2.86
C ASP B 91 -0.22 32.02 -3.10
N ASP B 92 0.42 31.29 -2.17
CA ASP B 92 1.78 30.81 -2.34
C ASP B 92 1.68 29.34 -2.73
N HIS B 93 1.48 29.10 -4.02
CA HIS B 93 1.22 27.75 -4.51
C HIS B 93 2.45 26.86 -4.38
N THR B 94 3.65 27.44 -4.50
CA THR B 94 4.87 26.63 -4.36
C THR B 94 5.06 26.15 -2.93
N SER B 95 4.84 27.04 -1.96
CA SER B 95 4.98 26.66 -0.55
C SER B 95 3.95 25.60 -0.16
N ILE B 96 2.77 25.63 -0.77
CA ILE B 96 1.76 24.62 -0.46
C ILE B 96 2.16 23.28 -1.07
N LEU B 97 2.64 23.29 -2.32
CA LEU B 97 3.13 22.05 -2.94
C LEU B 97 4.31 21.48 -2.17
N LYS B 98 5.15 22.34 -1.60
CA LYS B 98 6.28 21.84 -0.81
C LYS B 98 5.82 21.23 0.50
N SER B 99 4.85 21.85 1.16
CA SER B 99 4.31 21.27 2.39
C SER B 99 3.56 19.99 2.11
N PHE B 100 2.86 19.92 0.98
CA PHE B 100 2.17 18.69 0.60
C PHE B 100 3.16 17.57 0.32
N TYR B 101 4.32 17.90 -0.25
CA TYR B 101 5.33 16.88 -0.51
C TYR B 101 6.01 16.42 0.76
N GLN B 102 6.45 17.35 1.59
CA GLN B 102 7.10 17.00 2.85
C GLN B 102 6.17 16.26 3.80
N TRP B 103 4.85 16.39 3.62
CA TRP B 103 3.90 15.67 4.45
C TRP B 103 3.97 14.17 4.19
N HIS B 104 4.01 13.78 2.91
CA HIS B 104 4.09 12.36 2.57
C HIS B 104 5.45 11.77 2.95
N VAL B 105 6.51 12.55 2.80
CA VAL B 105 7.84 12.09 3.21
C VAL B 105 7.91 11.98 4.72
N ASP B 106 7.23 12.86 5.44
CA ASP B 106 7.23 12.78 6.90
C ASP B 106 6.53 11.52 7.38
N LEU B 107 5.47 11.10 6.68
CA LEU B 107 4.78 9.88 7.05
C LEU B 107 5.61 8.64 6.71
N ALA B 108 6.21 8.61 5.53
CA ALA B 108 7.00 7.46 5.11
C ALA B 108 8.32 7.34 5.87
N TYR B 109 8.77 8.41 6.52
CA TYR B 109 10.01 8.40 7.28
C TYR B 109 9.77 8.18 8.77
N ARG B 110 8.53 8.01 9.20
CA ARG B 110 8.26 7.68 10.59
C ARG B 110 8.79 6.29 10.91
N GLU B 111 9.41 6.14 12.07
CA GLU B 111 10.10 4.90 12.41
C GLU B 111 9.14 3.73 12.47
N GLY B 112 9.56 2.60 11.92
CA GLY B 112 8.72 1.42 11.89
C GLY B 112 7.59 1.49 10.90
N TYR B 113 7.77 2.19 9.78
CA TYR B 113 6.71 2.36 8.80
C TYR B 113 6.54 1.09 7.98
N ASN B 114 5.36 0.48 8.09
CA ASN B 114 5.00 -0.66 7.25
C ASN B 114 3.77 -0.37 6.39
N GLY B 115 3.37 0.88 6.29
CA GLY B 115 2.20 1.26 5.53
C GLY B 115 1.26 2.15 6.31
N THR B 116 0.44 2.93 5.60
CA THR B 116 -0.53 3.80 6.26
C THR B 116 -1.58 2.96 6.98
N LEU B 117 -2.07 3.49 8.11
CA LEU B 117 -3.12 2.81 8.84
C LEU B 117 -4.37 2.62 7.99
N LEU B 118 -4.60 3.50 7.02
CA LEU B 118 -5.72 3.32 6.10
C LEU B 118 -5.46 2.16 5.15
N THR B 119 -4.22 2.04 4.65
CA THR B 119 -3.89 0.94 3.74
C THR B 119 -4.04 -0.41 4.43
N LYS B 120 -3.65 -0.49 5.70
CA LYS B 120 -3.79 -1.75 6.44
C LYS B 120 -5.25 -2.13 6.60
N ALA B 121 -6.10 -1.16 6.96
CA ALA B 121 -7.52 -1.46 7.14
C ALA B 121 -8.18 -1.90 5.83
N VAL B 122 -7.71 -1.38 4.70
CA VAL B 122 -8.27 -1.78 3.42
C VAL B 122 -7.83 -3.18 3.05
N ILE B 123 -6.53 -3.47 3.23
CA ILE B 123 -6.01 -4.78 2.86
C ILE B 123 -6.51 -5.86 3.82
N GLU B 124 -6.40 -5.60 5.12
CA GLU B 124 -6.70 -6.64 6.11
C GLU B 124 -8.19 -6.89 6.29
N TYR B 125 -9.06 -6.02 5.78
CA TYR B 125 -10.50 -6.18 5.96
C TYR B 125 -11.21 -5.90 4.63
N TRP B 126 -10.96 -6.78 3.65
CA TRP B 126 -11.64 -6.71 2.37
C TRP B 126 -13.13 -7.03 2.48
N ASN B 127 -13.54 -7.72 3.54
CA ASN B 127 -14.94 -8.12 3.67
C ASN B 127 -15.85 -6.92 3.94
N LEU B 128 -15.41 -6.01 4.82
CA LEU B 128 -16.19 -4.84 5.15
C LEU B 128 -16.12 -3.82 4.01
N PRO B 129 -17.23 -3.56 3.32
CA PRO B 129 -17.19 -2.65 2.16
C PRO B 129 -17.07 -1.19 2.56
N ASP B 130 -17.60 -0.84 3.73
CA ASP B 130 -17.55 0.53 4.19
C ASP B 130 -16.14 0.98 4.56
N ILE B 131 -15.26 0.04 4.91
CA ILE B 131 -13.87 0.40 5.18
C ILE B 131 -13.19 0.89 3.92
N LYS B 132 -13.36 0.17 2.81
CA LYS B 132 -12.81 0.60 1.53
C LYS B 132 -13.47 1.88 1.05
N MET B 133 -14.71 2.14 1.47
CA MET B 133 -15.39 3.38 1.08
C MET B 133 -14.84 4.58 1.84
N LYS B 134 -14.60 4.42 3.14
CA LYS B 134 -14.12 5.54 3.94
C LYS B 134 -12.74 6.00 3.50
N VAL B 135 -11.84 5.04 3.19
CA VAL B 135 -10.53 5.41 2.71
C VAL B 135 -10.61 6.00 1.30
N GLU B 136 -11.50 5.45 0.46
CA GLU B 136 -11.73 6.06 -0.84
C GLU B 136 -12.34 7.45 -0.71
N ASP B 137 -13.19 7.66 0.29
CA ASP B 137 -13.72 8.99 0.55
C ASP B 137 -12.61 9.95 1.01
N PHE B 138 -11.61 9.43 1.72
CA PHE B 138 -10.51 10.28 2.19
C PHE B 138 -9.57 10.65 1.05
N ASN B 139 -9.18 9.66 0.24
CA ASN B 139 -8.30 9.93 -0.89
C ASN B 139 -8.97 10.85 -1.90
N LYS B 140 -10.29 10.70 -2.09
CA LYS B 140 -11.04 11.64 -2.90
C LYS B 140 -11.06 13.02 -2.26
N TRP B 141 -11.13 13.07 -0.93
CA TRP B 141 -11.08 14.34 -0.23
C TRP B 141 -9.69 14.97 -0.30
N LYS B 142 -8.64 14.14 -0.26
CA LYS B 142 -7.28 14.66 -0.27
C LYS B 142 -6.91 15.28 -1.61
N TYR B 143 -7.35 14.65 -2.71
CA TYR B 143 -7.03 15.19 -4.02
C TYR B 143 -7.75 16.52 -4.27
N GLU B 144 -8.99 16.63 -3.79
CA GLU B 144 -9.79 17.82 -4.06
C GLU B 144 -9.40 18.99 -3.16
N ILE B 145 -8.97 18.72 -1.92
CA ILE B 145 -8.48 19.80 -1.07
C ILE B 145 -7.12 20.29 -1.55
N PHE B 146 -6.40 19.48 -2.33
CA PHE B 146 -5.13 19.92 -2.88
C PHE B 146 -5.35 20.82 -4.10
N ALA B 147 -6.34 20.51 -4.93
CA ALA B 147 -6.65 21.36 -6.07
C ALA B 147 -7.25 22.69 -5.63
N GLU B 148 -7.90 22.73 -4.47
CA GLU B 148 -8.45 23.98 -3.97
C GLU B 148 -7.35 24.97 -3.63
N TYR B 149 -6.34 24.53 -2.91
CA TYR B 149 -5.28 25.43 -2.47
C TYR B 149 -4.39 25.87 -3.62
N LEU B 150 -4.23 25.01 -4.63
CA LEU B 150 -3.37 25.33 -5.77
C LEU B 150 -4.06 26.19 -6.82
N ALA B 151 -5.34 26.53 -6.61
CA ALA B 151 -6.12 27.30 -7.59
C ALA B 151 -6.12 26.62 -8.96
N GLU B 152 -6.03 25.30 -8.96
CA GLU B 152 -6.00 24.50 -10.18
C GLU B 152 -7.28 23.70 -10.30
N GLU B 153 -7.60 23.30 -11.53
CA GLU B 153 -8.77 22.48 -11.78
C GLU B 153 -8.59 21.09 -11.18
N ILE B 154 -9.73 20.45 -10.89
CA ILE B 154 -9.73 19.08 -10.39
C ILE B 154 -9.39 18.07 -11.47
N ASN B 155 -9.11 18.52 -12.69
CA ASN B 155 -8.83 17.62 -13.81
C ASN B 155 -7.45 17.84 -14.42
N ASN B 156 -6.58 18.57 -13.74
CA ASN B 156 -5.23 18.79 -14.24
C ASN B 156 -4.49 17.47 -14.33
N ALA B 157 -4.10 17.09 -15.56
CA ALA B 157 -3.33 15.86 -15.76
C ALA B 157 -2.04 15.89 -14.95
N ARG B 158 -1.46 17.07 -14.75
CA ARG B 158 -0.30 17.18 -13.87
C ARG B 158 -0.67 16.86 -12.43
N LEU B 159 -1.83 17.34 -11.97
CA LEU B 159 -2.23 17.12 -10.59
C LEU B 159 -2.43 15.64 -10.29
N ARG B 160 -3.07 14.91 -11.22
CA ARG B 160 -3.29 13.48 -11.00
C ARG B 160 -1.96 12.73 -10.90
N ILE B 161 -0.92 13.21 -11.58
CA ILE B 161 0.39 12.56 -11.50
C ILE B 161 1.12 12.96 -10.22
N ILE B 162 0.96 14.22 -9.80
CA ILE B 162 1.63 14.69 -8.59
C ILE B 162 1.12 13.94 -7.36
N VAL B 163 -0.20 13.85 -7.21
CA VAL B 163 -0.77 13.18 -6.04
C VAL B 163 -0.46 11.70 -6.07
N SER B 164 -0.53 11.06 -7.24
CA SER B 164 -0.20 9.64 -7.33
C SER B 164 1.27 9.38 -7.07
N ALA B 165 2.13 10.34 -7.37
CA ALA B 165 3.55 10.21 -7.01
C ALA B 165 3.73 10.33 -5.50
N MET B 166 2.87 11.11 -4.83
CA MET B 166 2.96 11.22 -3.38
C MET B 166 2.45 9.95 -2.70
N ASN B 167 1.42 9.32 -3.26
CA ASN B 167 0.94 8.06 -2.70
C ASN B 167 1.96 6.95 -2.87
N GLY B 168 2.76 7.00 -3.94
CA GLY B 168 3.86 6.05 -4.10
C GLY B 168 4.91 6.19 -3.03
N ILE B 169 5.02 7.37 -2.41
CA ILE B 169 5.93 7.53 -1.28
C ILE B 169 5.41 6.76 -0.07
N LEU B 170 4.09 6.72 0.10
CA LEU B 170 3.47 6.00 1.20
C LEU B 170 3.41 4.49 0.99
N LEU B 171 3.89 4.00 -0.15
CA LEU B 171 3.89 2.57 -0.40
C LEU B 171 4.86 1.87 0.55
N PRO B 172 4.47 0.74 1.14
CA PRO B 172 5.39 0.02 2.02
C PRO B 172 6.59 -0.50 1.23
N ALA B 173 7.77 -0.41 1.86
CA ALA B 173 9.03 -0.82 1.26
C ALA B 173 9.30 -0.07 -0.05
N SER B 174 8.98 1.22 -0.05
CA SER B 174 9.17 2.05 -1.23
C SER B 174 10.66 2.37 -1.42
N THR B 175 10.98 2.91 -2.60
CA THR B 175 12.36 3.26 -2.91
C THR B 175 12.35 4.32 -4.02
N TYR B 176 13.49 5.00 -4.15
CA TYR B 176 13.68 6.04 -5.16
C TYR B 176 12.60 7.13 -5.04
N LEU B 177 12.52 7.70 -3.85
CA LEU B 177 11.55 8.76 -3.60
C LEU B 177 11.93 9.99 -4.41
N PRO B 178 10.99 10.59 -5.16
CA PRO B 178 11.32 11.81 -5.90
C PRO B 178 11.64 12.95 -4.95
N THR B 179 12.69 13.70 -5.30
CA THR B 179 13.09 14.84 -4.49
C THR B 179 12.08 15.97 -4.64
N TRP B 180 12.25 17.00 -3.79
CA TRP B 180 11.39 18.17 -3.90
C TRP B 180 11.62 18.90 -5.22
N GLU B 181 12.88 19.02 -5.63
CA GLU B 181 13.19 19.65 -6.91
C GLU B 181 12.61 18.89 -8.09
N ASP B 182 12.37 17.58 -7.95
CA ASP B 182 11.68 16.83 -8.98
C ASP B 182 10.23 17.27 -9.08
N ILE B 183 9.53 17.29 -7.95
CA ILE B 183 8.14 17.75 -7.94
C ILE B 183 8.06 19.22 -8.32
N GLU B 184 9.11 19.99 -8.01
CA GLU B 184 9.14 21.40 -8.40
C GLU B 184 9.22 21.57 -9.90
N SER B 185 10.04 20.76 -10.57
CA SER B 185 10.21 20.89 -12.02
C SER B 185 8.93 20.53 -12.77
N LEU B 186 8.14 19.60 -12.24
CA LEU B 186 6.85 19.28 -12.86
C LEU B 186 5.94 20.50 -12.84
N TYR B 187 5.69 21.05 -11.64
CA TYR B 187 4.80 22.19 -11.50
C TYR B 187 5.35 23.42 -12.22
N GLY B 188 6.67 23.50 -12.41
CA GLY B 188 7.27 24.63 -13.10
C GLY B 188 6.97 24.68 -14.58
N GLU B 189 6.65 23.54 -15.19
CA GLU B 189 6.32 23.49 -16.61
C GLU B 189 5.02 24.23 -16.90
#